data_5ZKB
#
_entry.id   5ZKB
#
_cell.length_a   213.010
_cell.length_b   60.090
_cell.length_c   48.750
_cell.angle_alpha   90.00
_cell.angle_beta   92.66
_cell.angle_gamma   90.00
#
_symmetry.space_group_name_H-M   'C 1 2 1'
#
loop_
_entity.id
_entity.type
_entity.pdbx_description
1 polymer 'Muscarinic acetylcholine receptor M2,Apo-cytochrome b562,Muscarinic acetylcholine receptor M2'
2 non-polymer N-[2-[(2S)-2-[(dipropylamino)methyl]piperidin-1-yl]ethyl]-6-oxidanylidene-5H-pyrido[2,3-b][1,4]benzodiazepine-11-carboxamide
#
_entity_poly.entity_id   1
_entity_poly.type   'polypeptide(L)'
_entity_poly.pdbx_seq_one_letter_code
;GPMDDSTDSSDNSLALTSPYKTFEVVFIVLVAGSLSLVTIIGNILVMVSIKVNRHLQTVNNYFLFSLACADLIIGVFSMN
LYTLYTVIGYWPLGPVVCDLWLALDYVVSNARVMNLLIISFDRYFCVTKPLTYPVKRTTKMAGMMIAAAWVLSFILWAPA
ILFWQFIVGVRTVEDGECYIQFFSNAAVTFGTAIAAFYLPVIIMTVLYWHISRASKSRIADLEDNWETLNDNLKVIEKAD
NAAQVKDALTKMRAAALDAQKATPPKLEDKSPDSPEMKDFRHGFDILVGQIDDALKLANEGKVKEAQAAAEQLKTTRNAY
IQKYLPPPSREKKVTRTILAILLAFIITWAPYNVMVLINTFCAPCIPNTVWTIGYWLCYINSTINPACYALCNATFKKTF
KHLLMCHYKNIGATRLEVLFQ
;
_entity_poly.pdbx_strand_id   A
#
# COMPACT_ATOMS: atom_id res chain seq x y z
N PRO A 19 16.93 11.15 -35.29
CA PRO A 19 17.52 12.43 -34.86
C PRO A 19 17.76 12.47 -33.36
N TYR A 20 16.72 12.77 -32.60
CA TYR A 20 16.79 12.78 -31.14
C TYR A 20 16.51 11.42 -30.52
N LYS A 21 16.04 10.46 -31.31
CA LYS A 21 15.57 9.19 -30.75
C LYS A 21 16.70 8.30 -30.24
N THR A 22 17.96 8.62 -30.55
CA THR A 22 19.07 7.84 -30.01
C THR A 22 19.18 8.03 -28.50
N PHE A 23 19.31 9.28 -28.06
CA PHE A 23 19.30 9.58 -26.64
C PHE A 23 18.01 9.11 -25.98
N GLU A 24 16.90 9.10 -26.75
CA GLU A 24 15.66 8.54 -26.22
C GLU A 24 15.80 7.06 -25.91
N VAL A 25 16.43 6.31 -26.82
CA VAL A 25 16.63 4.88 -26.59
C VAL A 25 17.53 4.66 -25.37
N VAL A 26 18.65 5.40 -25.30
CA VAL A 26 19.55 5.26 -24.15
C VAL A 26 18.81 5.57 -22.85
N PHE A 27 18.02 6.65 -22.86
CA PHE A 27 17.22 6.98 -21.68
C PHE A 27 16.25 5.86 -21.33
N ILE A 28 15.68 5.22 -22.35
CA ILE A 28 14.71 4.15 -22.12
C ILE A 28 15.38 2.96 -21.45
N VAL A 29 16.50 2.49 -21.99
CA VAL A 29 17.14 1.31 -21.41
C VAL A 29 17.68 1.63 -20.02
N LEU A 30 18.19 2.84 -19.80
CA LEU A 30 18.70 3.20 -18.48
C LEU A 30 17.58 3.25 -17.45
N VAL A 31 16.52 4.02 -17.72
CA VAL A 31 15.44 4.17 -16.75
C VAL A 31 14.73 2.85 -16.51
N ALA A 32 14.50 2.08 -17.58
CA ALA A 32 13.83 0.79 -17.44
C ALA A 32 14.66 -0.18 -16.62
N GLY A 33 15.96 -0.27 -16.93
CA GLY A 33 16.83 -1.13 -16.14
C GLY A 33 16.88 -0.72 -14.68
N SER A 34 16.87 0.59 -14.41
CA SER A 34 16.84 1.06 -13.03
C SER A 34 15.54 0.63 -12.34
N LEU A 35 14.40 0.79 -13.02
CA LEU A 35 13.13 0.33 -12.48
C LEU A 35 13.19 -1.15 -12.12
N SER A 36 13.61 -1.99 -13.06
CA SER A 36 13.67 -3.42 -12.82
C SER A 36 14.58 -3.75 -11.65
N LEU A 37 15.74 -3.11 -11.58
CA LEU A 37 16.69 -3.41 -10.51
C LEU A 37 16.15 -2.99 -9.14
N VAL A 38 15.55 -1.81 -9.05
CA VAL A 38 14.99 -1.36 -7.79
C VAL A 38 13.85 -2.26 -7.35
N THR A 39 13.02 -2.70 -8.29
CA THR A 39 11.95 -3.63 -7.96
C THR A 39 12.50 -4.94 -7.41
N ILE A 40 13.50 -5.49 -8.10
CA ILE A 40 14.10 -6.75 -7.66
C ILE A 40 14.68 -6.60 -6.25
N ILE A 41 15.46 -5.54 -6.03
CA ILE A 41 16.09 -5.35 -4.72
C ILE A 41 15.04 -5.21 -3.63
N GLY A 42 14.00 -4.41 -3.88
CA GLY A 42 12.99 -4.18 -2.85
C GLY A 42 12.24 -5.45 -2.48
N ASN A 43 11.67 -6.13 -3.48
CA ASN A 43 10.88 -7.31 -3.16
C ASN A 43 11.74 -8.45 -2.63
N ILE A 44 12.98 -8.57 -3.11
CA ILE A 44 13.89 -9.57 -2.55
C ILE A 44 14.18 -9.26 -1.08
N LEU A 45 14.43 -7.99 -0.77
CA LEU A 45 14.66 -7.61 0.63
C LEU A 45 13.45 -7.95 1.49
N VAL A 46 12.25 -7.74 0.96
CA VAL A 46 11.04 -8.10 1.71
C VAL A 46 10.99 -9.60 1.97
N MET A 47 11.24 -10.40 0.92
CA MET A 47 11.11 -11.85 1.05
C MET A 47 12.15 -12.41 2.01
N VAL A 48 13.41 -12.01 1.84
CA VAL A 48 14.47 -12.48 2.73
C VAL A 48 14.21 -12.02 4.16
N SER A 49 13.75 -10.77 4.33
CA SER A 49 13.45 -10.27 5.66
C SER A 49 12.36 -11.11 6.33
N ILE A 50 11.34 -11.51 5.58
CA ILE A 50 10.26 -12.28 6.18
C ILE A 50 10.73 -13.70 6.50
N LYS A 51 11.50 -14.31 5.58
CA LYS A 51 11.97 -15.67 5.83
C LYS A 51 13.03 -15.74 6.94
N VAL A 52 13.70 -14.63 7.24
CA VAL A 52 14.77 -14.66 8.24
C VAL A 52 14.27 -14.26 9.62
N ASN A 53 13.62 -13.09 9.71
CA ASN A 53 13.14 -12.61 11.00
C ASN A 53 11.90 -13.40 11.43
N ARG A 54 11.92 -13.90 12.67
CA ARG A 54 10.79 -14.66 13.17
C ARG A 54 9.62 -13.76 13.57
N HIS A 55 9.89 -12.51 13.93
CA HIS A 55 8.81 -11.57 14.25
C HIS A 55 8.03 -11.15 13.00
N LEU A 56 8.63 -11.28 11.81
CA LEU A 56 7.94 -10.98 10.56
C LEU A 56 7.23 -12.19 9.97
N GLN A 57 6.92 -13.19 10.79
CA GLN A 57 6.31 -14.43 10.32
C GLN A 57 4.84 -14.53 10.74
N THR A 58 4.11 -13.42 10.59
CA THR A 58 2.67 -13.39 10.84
C THR A 58 1.92 -13.55 9.52
N VAL A 59 0.60 -13.73 9.64
CA VAL A 59 -0.22 -14.02 8.47
C VAL A 59 -0.25 -12.82 7.53
N ASN A 60 -0.31 -11.60 8.08
CA ASN A 60 -0.24 -10.41 7.24
C ASN A 60 1.02 -10.43 6.38
N ASN A 61 2.14 -10.86 6.96
CA ASN A 61 3.38 -10.96 6.21
C ASN A 61 3.42 -12.18 5.30
N TYR A 62 2.55 -13.17 5.51
CA TYR A 62 2.36 -14.22 4.52
C TYR A 62 1.71 -13.66 3.26
N PHE A 63 0.62 -12.91 3.44
CA PHE A 63 0.00 -12.26 2.29
C PHE A 63 0.98 -11.30 1.61
N LEU A 64 1.67 -10.47 2.40
CA LEU A 64 2.65 -9.56 1.84
C LEU A 64 3.80 -10.31 1.18
N PHE A 65 4.08 -11.54 1.63
CA PHE A 65 5.11 -12.35 0.99
C PHE A 65 4.64 -12.81 -0.39
N SER A 66 3.40 -13.29 -0.50
CA SER A 66 2.88 -13.66 -1.81
C SER A 66 2.89 -12.47 -2.76
N LEU A 67 2.42 -11.32 -2.26
CA LEU A 67 2.43 -10.10 -3.08
C LEU A 67 3.84 -9.75 -3.53
N ALA A 68 4.81 -9.80 -2.61
CA ALA A 68 6.19 -9.52 -2.96
C ALA A 68 6.72 -10.51 -3.99
N CYS A 69 6.26 -11.77 -3.93
CA CYS A 69 6.64 -12.74 -4.94
C CYS A 69 6.13 -12.35 -6.32
N ALA A 70 4.84 -11.98 -6.40
CA ALA A 70 4.31 -11.53 -7.69
C ALA A 70 5.09 -10.33 -8.21
N ASP A 71 5.37 -9.36 -7.34
CA ASP A 71 6.11 -8.18 -7.79
C ASP A 71 7.53 -8.53 -8.21
N LEU A 72 8.14 -9.55 -7.60
CA LEU A 72 9.47 -9.98 -8.02
C LEU A 72 9.42 -10.65 -9.38
N ILE A 73 8.38 -11.46 -9.63
CA ILE A 73 8.21 -12.06 -10.95
C ILE A 73 8.02 -10.97 -12.00
N ILE A 74 7.26 -9.93 -11.67
CA ILE A 74 7.06 -8.84 -12.63
C ILE A 74 8.37 -8.09 -12.88
N GLY A 75 9.14 -7.84 -11.80
CA GLY A 75 10.38 -7.10 -11.96
C GLY A 75 11.46 -7.86 -12.69
N VAL A 76 11.42 -9.19 -12.65
CA VAL A 76 12.46 -9.98 -13.32
C VAL A 76 12.12 -10.23 -14.78
N PHE A 77 10.86 -10.53 -15.09
CA PHE A 77 10.47 -10.96 -16.44
C PHE A 77 9.75 -9.87 -17.23
N SER A 78 8.60 -9.41 -16.74
CA SER A 78 7.71 -8.58 -17.56
C SER A 78 8.35 -7.25 -17.91
N MET A 79 9.05 -6.62 -16.97
CA MET A 79 9.68 -5.32 -17.25
C MET A 79 10.73 -5.45 -18.34
N ASN A 80 11.62 -6.43 -18.22
CA ASN A 80 12.69 -6.59 -19.19
C ASN A 80 12.16 -7.06 -20.55
N LEU A 81 11.14 -7.92 -20.54
CA LEU A 81 10.58 -8.37 -21.81
C LEU A 81 9.86 -7.23 -22.53
N TYR A 82 9.15 -6.38 -21.78
CA TYR A 82 8.49 -5.25 -22.41
C TYR A 82 9.50 -4.23 -22.92
N THR A 83 10.58 -4.01 -22.16
CA THR A 83 11.66 -3.16 -22.65
C THR A 83 12.24 -3.72 -23.95
N LEU A 84 12.46 -5.05 -24.00
CA LEU A 84 12.95 -5.67 -25.22
C LEU A 84 12.00 -5.43 -26.38
N TYR A 85 10.69 -5.56 -26.13
CA TYR A 85 9.71 -5.36 -27.18
C TYR A 85 9.73 -3.94 -27.71
N THR A 86 9.73 -2.96 -26.80
CA THR A 86 9.67 -1.56 -27.23
C THR A 86 10.95 -1.14 -27.93
N VAL A 87 12.11 -1.57 -27.41
CA VAL A 87 13.39 -1.17 -27.99
C VAL A 87 13.58 -1.81 -29.37
N ILE A 88 13.25 -3.09 -29.49
CA ILE A 88 13.45 -3.75 -30.78
C ILE A 88 12.37 -3.35 -31.79
N GLY A 89 11.15 -3.10 -31.32
CA GLY A 89 10.05 -2.74 -32.19
C GLY A 89 9.17 -3.90 -32.58
N TYR A 90 9.55 -5.13 -32.23
CA TYR A 90 8.73 -6.31 -32.46
C TYR A 90 9.17 -7.38 -31.49
N TRP A 91 8.44 -8.51 -31.49
CA TRP A 91 8.74 -9.62 -30.61
C TRP A 91 9.79 -10.51 -31.28
N PRO A 92 11.01 -10.60 -30.75
CA PRO A 92 12.08 -11.34 -31.43
C PRO A 92 12.34 -12.75 -30.92
N LEU A 93 11.65 -13.20 -29.89
CA LEU A 93 12.01 -14.46 -29.26
C LEU A 93 11.29 -15.65 -29.88
N GLY A 94 9.98 -15.56 -30.03
CA GLY A 94 9.22 -16.63 -30.66
C GLY A 94 7.81 -16.75 -30.10
N PRO A 95 6.98 -17.54 -30.77
CA PRO A 95 5.59 -17.70 -30.30
C PRO A 95 5.47 -18.45 -28.99
N VAL A 96 6.33 -19.46 -28.77
CA VAL A 96 6.30 -20.19 -27.51
C VAL A 96 6.59 -19.25 -26.35
N VAL A 97 7.68 -18.49 -26.44
CA VAL A 97 8.04 -17.55 -25.38
C VAL A 97 6.98 -16.46 -25.26
N CYS A 98 6.38 -16.06 -26.37
CA CYS A 98 5.33 -15.04 -26.31
C CYS A 98 4.14 -15.53 -25.51
N ASP A 99 3.64 -16.73 -25.81
CA ASP A 99 2.50 -17.25 -25.04
C ASP A 99 2.88 -17.53 -23.59
N LEU A 100 4.12 -17.95 -23.34
CA LEU A 100 4.56 -18.11 -21.96
C LEU A 100 4.50 -16.79 -21.21
N TRP A 101 4.94 -15.71 -21.84
CA TRP A 101 4.94 -14.41 -21.16
C TRP A 101 3.52 -13.87 -20.98
N LEU A 102 2.64 -14.12 -21.96
CA LEU A 102 1.24 -13.71 -21.82
C LEU A 102 0.58 -14.45 -20.66
N ALA A 103 0.74 -15.77 -20.62
CA ALA A 103 0.18 -16.55 -19.53
C ALA A 103 0.75 -16.09 -18.19
N LEU A 104 2.05 -15.83 -18.14
CA LEU A 104 2.69 -15.40 -16.90
C LEU A 104 2.12 -14.06 -16.43
N ASP A 105 2.08 -13.07 -17.32
CA ASP A 105 1.56 -11.76 -16.93
C ASP A 105 0.11 -11.84 -16.46
N TYR A 106 -0.71 -12.65 -17.15
CA TYR A 106 -2.12 -12.72 -16.79
C TYR A 106 -2.33 -13.47 -15.47
N VAL A 107 -1.65 -14.61 -15.30
CA VAL A 107 -1.76 -15.36 -14.06
C VAL A 107 -1.28 -14.52 -12.88
N VAL A 108 -0.20 -13.76 -13.08
CA VAL A 108 0.33 -12.96 -11.97
C VAL A 108 -0.59 -11.78 -11.65
N SER A 109 -1.17 -11.15 -12.67
CA SER A 109 -2.08 -10.04 -12.38
C SER A 109 -3.33 -10.54 -11.66
N ASN A 110 -3.90 -11.66 -12.14
CA ASN A 110 -5.08 -12.23 -11.47
C ASN A 110 -4.75 -12.65 -10.05
N ALA A 111 -3.57 -13.24 -9.84
CA ALA A 111 -3.12 -13.59 -8.49
C ALA A 111 -2.95 -12.35 -7.63
N ARG A 112 -2.57 -11.22 -8.23
CA ARG A 112 -2.46 -9.98 -7.47
C ARG A 112 -3.83 -9.50 -7.03
N VAL A 113 -4.80 -9.49 -7.94
CA VAL A 113 -6.15 -9.06 -7.59
C VAL A 113 -6.71 -9.95 -6.48
N MET A 114 -6.60 -11.27 -6.65
CA MET A 114 -7.14 -12.18 -5.63
C MET A 114 -6.39 -12.05 -4.31
N ASN A 115 -5.09 -11.78 -4.36
CA ASN A 115 -4.32 -11.58 -3.13
C ASN A 115 -4.81 -10.33 -2.39
N LEU A 116 -5.02 -9.24 -3.12
CA LEU A 116 -5.54 -8.02 -2.50
C LEU A 116 -6.94 -8.24 -1.93
N LEU A 117 -7.77 -9.01 -2.62
CA LEU A 117 -9.08 -9.35 -2.08
C LEU A 117 -8.95 -10.16 -0.79
N ILE A 118 -8.00 -11.09 -0.74
CA ILE A 118 -7.77 -11.87 0.47
C ILE A 118 -7.38 -10.96 1.63
N ILE A 119 -6.47 -10.00 1.37
CA ILE A 119 -6.05 -9.06 2.41
C ILE A 119 -7.23 -8.22 2.88
N SER A 120 -8.04 -7.73 1.94
CA SER A 120 -9.17 -6.87 2.28
C SER A 120 -10.19 -7.60 3.14
N PHE A 121 -10.58 -8.82 2.72
CA PHE A 121 -11.54 -9.59 3.50
C PHE A 121 -10.96 -9.99 4.85
N ASP A 122 -9.67 -10.28 4.91
CA ASP A 122 -9.05 -10.66 6.18
C ASP A 122 -9.11 -9.51 7.18
N ARG A 123 -8.75 -8.31 6.74
CA ARG A 123 -8.83 -7.14 7.61
C ARG A 123 -10.27 -6.85 8.00
N TYR A 124 -11.19 -6.96 7.03
CA TYR A 124 -12.61 -6.69 7.31
C TYR A 124 -13.15 -7.63 8.38
N PHE A 125 -12.81 -8.92 8.30
CA PHE A 125 -13.25 -9.85 9.32
C PHE A 125 -12.55 -9.62 10.65
N CYS A 126 -11.28 -9.19 10.62
CA CYS A 126 -10.58 -8.87 11.85
C CYS A 126 -11.25 -7.71 12.59
N VAL A 127 -11.82 -6.76 11.85
CA VAL A 127 -12.44 -5.60 12.49
C VAL A 127 -13.90 -5.88 12.86
N THR A 128 -14.63 -6.64 12.03
CA THR A 128 -16.05 -6.83 12.24
C THR A 128 -16.39 -8.01 13.13
N LYS A 129 -15.47 -8.97 13.29
CA LYS A 129 -15.68 -10.13 14.18
C LYS A 129 -14.47 -10.26 15.10
N PRO A 130 -14.32 -9.33 16.06
CA PRO A 130 -13.10 -9.33 16.88
C PRO A 130 -13.00 -10.52 17.83
N LEU A 131 -14.10 -11.23 18.09
CA LEU A 131 -14.12 -12.30 19.07
C LEU A 131 -13.84 -13.67 18.45
N THR A 132 -14.49 -13.97 17.33
CA THR A 132 -14.43 -15.30 16.75
C THR A 132 -13.32 -15.46 15.72
N TYR A 133 -13.03 -14.42 14.94
CA TYR A 133 -12.12 -14.55 13.80
C TYR A 133 -10.64 -14.66 14.19
N PRO A 134 -10.12 -13.81 15.09
CA PRO A 134 -8.66 -13.83 15.33
C PRO A 134 -8.09 -15.20 15.69
N VAL A 135 -8.83 -16.02 16.45
CA VAL A 135 -8.32 -17.33 16.82
C VAL A 135 -8.28 -18.28 15.64
N LYS A 136 -9.06 -18.02 14.58
CA LYS A 136 -9.03 -18.88 13.41
C LYS A 136 -7.92 -18.52 12.44
N ARG A 137 -7.32 -17.35 12.57
CA ARG A 137 -6.24 -16.92 11.69
C ARG A 137 -4.96 -17.67 12.03
N THR A 138 -4.62 -18.67 11.22
CA THR A 138 -3.40 -19.43 11.37
C THR A 138 -2.55 -19.28 10.13
N THR A 139 -1.26 -19.63 10.27
CA THR A 139 -0.38 -19.59 9.10
C THR A 139 -0.75 -20.64 8.08
N LYS A 140 -1.25 -21.79 8.52
CA LYS A 140 -1.67 -22.83 7.57
C LYS A 140 -2.85 -22.37 6.72
N MET A 141 -3.77 -21.61 7.32
CA MET A 141 -4.89 -21.08 6.55
C MET A 141 -4.43 -20.00 5.58
N ALA A 142 -3.48 -19.16 6.00
CA ALA A 142 -2.95 -18.14 5.11
C ALA A 142 -2.28 -18.75 3.90
N GLY A 143 -1.30 -19.65 4.15
CA GLY A 143 -0.63 -20.30 3.05
C GLY A 143 -1.56 -21.14 2.18
N MET A 144 -2.56 -21.76 2.79
CA MET A 144 -3.53 -22.53 2.03
C MET A 144 -4.35 -21.65 1.12
N MET A 145 -4.70 -20.44 1.58
CA MET A 145 -5.52 -19.55 0.76
C MET A 145 -4.70 -18.88 -0.34
N ILE A 146 -3.44 -18.55 -0.07
CA ILE A 146 -2.63 -17.97 -1.15
C ILE A 146 -2.27 -19.04 -2.17
N ALA A 147 -2.04 -20.27 -1.73
CA ALA A 147 -1.83 -21.37 -2.66
C ALA A 147 -3.06 -21.58 -3.52
N ALA A 148 -4.24 -21.59 -2.91
CA ALA A 148 -5.48 -21.68 -3.67
C ALA A 148 -5.61 -20.52 -4.65
N ALA A 149 -5.12 -19.34 -4.28
CA ALA A 149 -5.22 -18.19 -5.17
C ALA A 149 -4.35 -18.38 -6.41
N TRP A 150 -3.07 -18.72 -6.21
CA TRP A 150 -2.20 -18.93 -7.36
C TRP A 150 -2.69 -20.07 -8.24
N VAL A 151 -3.15 -21.16 -7.62
CA VAL A 151 -3.66 -22.30 -8.39
C VAL A 151 -4.88 -21.89 -9.20
N LEU A 152 -5.79 -21.13 -8.60
CA LEU A 152 -6.98 -20.69 -9.33
C LEU A 152 -6.61 -19.80 -10.50
N SER A 153 -5.71 -18.85 -10.28
CA SER A 153 -5.28 -17.96 -11.35
C SER A 153 -4.64 -18.76 -12.50
N PHE A 154 -3.75 -19.69 -12.16
CA PHE A 154 -3.06 -20.47 -13.19
C PHE A 154 -4.05 -21.31 -13.98
N ILE A 155 -4.93 -22.03 -13.30
CA ILE A 155 -5.89 -22.88 -14.00
C ILE A 155 -6.86 -22.05 -14.82
N LEU A 156 -7.17 -20.83 -14.38
CA LEU A 156 -8.11 -19.99 -15.13
C LEU A 156 -7.48 -19.46 -16.41
N TRP A 157 -6.27 -18.91 -16.32
CA TRP A 157 -5.71 -18.17 -17.46
C TRP A 157 -4.74 -18.99 -18.31
N ALA A 158 -3.92 -19.84 -17.71
CA ALA A 158 -2.83 -20.48 -18.45
C ALA A 158 -3.31 -21.36 -19.59
N PRO A 159 -4.23 -22.33 -19.40
CA PRO A 159 -4.57 -23.20 -20.53
C PRO A 159 -5.23 -22.48 -21.69
N ALA A 160 -6.05 -21.46 -21.42
CA ALA A 160 -6.69 -20.72 -22.50
C ALA A 160 -5.66 -19.98 -23.35
N ILE A 161 -4.73 -19.28 -22.69
CA ILE A 161 -3.72 -18.51 -23.42
C ILE A 161 -2.76 -19.44 -24.16
N LEU A 162 -2.47 -20.62 -23.58
CA LEU A 162 -1.49 -21.49 -24.21
C LEU A 162 -2.08 -22.37 -25.30
N PHE A 163 -3.38 -22.67 -25.26
CA PHE A 163 -3.96 -23.67 -26.16
C PHE A 163 -5.14 -23.14 -26.98
N TRP A 164 -5.47 -21.85 -26.88
CA TRP A 164 -6.54 -21.32 -27.72
C TRP A 164 -6.20 -21.47 -29.20
N GLN A 165 -4.93 -21.33 -29.56
CA GLN A 165 -4.52 -21.50 -30.95
C GLN A 165 -4.91 -22.88 -31.47
N PHE A 166 -4.78 -23.91 -30.63
CA PHE A 166 -5.16 -25.25 -31.03
C PHE A 166 -6.65 -25.50 -30.91
N ILE A 167 -7.35 -24.73 -30.08
CA ILE A 167 -8.81 -24.86 -29.99
C ILE A 167 -9.48 -24.43 -31.29
N VAL A 168 -9.05 -23.29 -31.83
CA VAL A 168 -9.61 -22.79 -33.10
C VAL A 168 -8.89 -23.36 -34.31
N GLY A 169 -7.83 -24.14 -34.12
CA GLY A 169 -7.13 -24.76 -35.21
C GLY A 169 -6.26 -23.85 -36.04
N VAL A 170 -6.05 -22.61 -35.60
CA VAL A 170 -5.25 -21.65 -36.35
C VAL A 170 -4.62 -20.67 -35.37
N ARG A 171 -3.42 -20.21 -35.71
CA ARG A 171 -2.72 -19.18 -34.97
C ARG A 171 -2.75 -17.91 -35.81
N THR A 172 -3.58 -16.94 -35.40
CA THR A 172 -3.72 -15.69 -36.13
C THR A 172 -2.70 -14.64 -35.72
N VAL A 173 -1.92 -14.89 -34.67
CA VAL A 173 -0.90 -13.95 -34.23
C VAL A 173 0.21 -13.92 -35.28
N GLU A 174 0.44 -12.74 -35.85
CA GLU A 174 1.43 -12.58 -36.91
C GLU A 174 2.84 -12.75 -36.37
N ASP A 175 3.74 -13.22 -37.23
CA ASP A 175 5.13 -13.40 -36.85
C ASP A 175 5.76 -12.06 -36.47
N GLY A 176 6.28 -11.97 -35.25
CA GLY A 176 6.88 -10.76 -34.74
C GLY A 176 6.03 -10.00 -33.74
N GLU A 177 4.74 -10.32 -33.63
CA GLU A 177 3.85 -9.69 -32.67
C GLU A 177 3.54 -10.65 -31.53
N CYS A 178 2.92 -10.12 -30.47
CA CYS A 178 2.64 -10.90 -29.27
C CYS A 178 1.38 -10.36 -28.62
N TYR A 179 0.27 -11.07 -28.78
CA TYR A 179 -0.99 -10.70 -28.15
C TYR A 179 -1.86 -11.94 -28.02
N ILE A 180 -3.03 -11.78 -27.39
CA ILE A 180 -3.96 -12.87 -27.14
C ILE A 180 -5.04 -12.86 -28.20
N GLN A 181 -5.28 -14.02 -28.80
CA GLN A 181 -6.25 -14.12 -29.90
C GLN A 181 -7.67 -13.93 -29.38
N PHE A 182 -8.06 -14.67 -28.32
CA PHE A 182 -9.46 -14.67 -27.93
C PHE A 182 -9.92 -13.34 -27.34
N PHE A 183 -9.02 -12.41 -27.08
CA PHE A 183 -9.40 -11.06 -26.66
C PHE A 183 -9.68 -10.14 -27.85
N SER A 184 -9.86 -10.71 -29.05
CA SER A 184 -10.29 -9.90 -30.18
C SER A 184 -11.75 -9.50 -30.07
N ASN A 185 -12.58 -10.36 -29.50
CA ASN A 185 -13.98 -10.03 -29.28
C ASN A 185 -14.10 -9.03 -28.14
N ALA A 186 -14.74 -7.89 -28.41
CA ALA A 186 -14.86 -6.85 -27.40
C ALA A 186 -15.71 -7.30 -26.21
N ALA A 187 -16.59 -8.28 -26.39
CA ALA A 187 -17.44 -8.74 -25.29
C ALA A 187 -16.61 -9.39 -24.20
N VAL A 188 -15.67 -10.26 -24.57
CA VAL A 188 -14.86 -10.93 -23.55
C VAL A 188 -13.90 -9.94 -22.89
N THR A 189 -13.49 -8.89 -23.61
CA THR A 189 -12.66 -7.87 -23.00
C THR A 189 -13.45 -7.03 -22.00
N PHE A 190 -14.71 -6.73 -22.33
CA PHE A 190 -15.53 -5.93 -21.43
C PHE A 190 -15.91 -6.73 -20.18
N GLY A 191 -16.43 -7.94 -20.38
CA GLY A 191 -16.75 -8.79 -19.24
C GLY A 191 -15.54 -9.12 -18.40
N THR A 192 -14.38 -9.31 -19.05
CA THR A 192 -13.15 -9.56 -18.31
C THR A 192 -12.73 -8.33 -17.52
N ALA A 193 -12.93 -7.14 -18.08
CA ALA A 193 -12.60 -5.92 -17.35
C ALA A 193 -13.54 -5.71 -16.17
N ILE A 194 -14.81 -6.10 -16.30
CA ILE A 194 -15.74 -5.94 -15.20
C ILE A 194 -15.45 -6.95 -14.09
N ALA A 195 -15.30 -8.23 -14.46
CA ALA A 195 -15.14 -9.27 -13.45
C ALA A 195 -13.75 -9.30 -12.85
N ALA A 196 -12.71 -8.91 -13.61
CA ALA A 196 -11.34 -9.04 -13.15
C ALA A 196 -10.79 -7.79 -12.48
N PHE A 197 -11.41 -6.63 -12.69
CA PHE A 197 -10.85 -5.40 -12.13
C PHE A 197 -11.90 -4.55 -11.41
N TYR A 198 -12.91 -4.10 -12.14
CA TYR A 198 -13.81 -3.08 -11.60
C TYR A 198 -14.63 -3.61 -10.44
N LEU A 199 -15.26 -4.76 -10.61
CA LEU A 199 -15.99 -5.37 -9.49
C LEU A 199 -15.09 -5.63 -8.29
N PRO A 200 -13.91 -6.27 -8.43
CA PRO A 200 -13.04 -6.40 -7.25
C PRO A 200 -12.67 -5.07 -6.62
N VAL A 201 -12.46 -4.02 -7.42
CA VAL A 201 -12.12 -2.71 -6.86
C VAL A 201 -13.28 -2.17 -6.02
N ILE A 202 -14.51 -2.32 -6.52
CA ILE A 202 -15.68 -1.90 -5.74
C ILE A 202 -15.75 -2.68 -4.43
N ILE A 203 -15.52 -3.99 -4.51
CA ILE A 203 -15.53 -4.82 -3.30
C ILE A 203 -14.51 -4.30 -2.29
N MET A 204 -13.27 -4.06 -2.75
CA MET A 204 -12.24 -3.56 -1.84
C MET A 204 -12.62 -2.19 -1.26
N THR A 205 -13.30 -1.36 -2.05
CA THR A 205 -13.69 -0.04 -1.57
C THR A 205 -14.73 -0.14 -0.47
N VAL A 206 -15.75 -0.98 -0.65
CA VAL A 206 -16.76 -1.17 0.39
C VAL A 206 -16.12 -1.79 1.63
N LEU A 207 -15.26 -2.80 1.43
CA LEU A 207 -14.62 -3.48 2.56
C LEU A 207 -13.78 -2.51 3.37
N TYR A 208 -12.92 -1.73 2.72
CA TYR A 208 -12.13 -0.75 3.45
C TYR A 208 -13.02 0.30 4.11
N TRP A 209 -14.11 0.67 3.43
CA TRP A 209 -15.04 1.65 4.01
C TRP A 209 -15.61 1.15 5.34
N HIS A 210 -16.01 -0.13 5.39
CA HIS A 210 -16.49 -0.68 6.65
C HIS A 210 -15.35 -0.89 7.66
N ILE A 211 -14.13 -1.12 7.17
CA ILE A 211 -12.98 -1.19 8.06
C ILE A 211 -12.78 0.15 8.77
N SER A 212 -13.00 1.25 8.05
CA SER A 212 -12.84 2.57 8.65
C SER A 212 -14.02 2.93 9.55
N ARG A 213 -15.24 2.59 9.13
CA ARG A 213 -16.41 2.95 9.93
C ARG A 213 -16.48 2.15 11.22
N ALA A 214 -16.15 0.85 11.16
CA ALA A 214 -16.24 0.01 12.35
C ALA A 214 -15.15 0.33 13.37
N SER A 215 -14.02 0.86 12.91
CA SER A 215 -12.89 1.19 13.79
C SER A 215 -12.92 2.63 14.26
N LYS A 216 -14.06 3.31 14.17
CA LYS A 216 -14.09 4.76 14.32
C LYS A 216 -14.57 5.22 15.69
N SER A 217 -15.39 4.43 16.36
CA SER A 217 -16.24 4.96 17.42
C SER A 217 -15.50 5.10 18.76
N ARG A 218 -16.19 5.76 19.69
CA ARG A 218 -15.81 5.88 21.09
C ARG A 218 -14.60 6.78 21.30
N ILE A 219 -13.74 6.38 22.24
CA ILE A 219 -12.60 7.21 22.61
C ILE A 219 -11.71 7.44 21.39
N ALA A 220 -11.47 6.40 20.61
CA ALA A 220 -10.56 6.47 19.46
C ALA A 220 -10.76 7.73 18.64
N ASP A 221 -11.99 7.98 18.20
CA ASP A 221 -12.33 9.22 17.51
C ASP A 221 -11.93 10.42 18.34
N LEU A 222 -12.34 10.43 19.61
CA LEU A 222 -12.05 11.56 20.50
C LEU A 222 -10.59 11.55 20.95
N GLU A 223 -10.02 10.36 21.16
CA GLU A 223 -8.62 10.21 21.55
C GLU A 223 -7.65 10.52 20.41
N ASP A 224 -8.14 10.68 19.18
CA ASP A 224 -7.26 11.08 18.09
C ASP A 224 -6.55 12.39 18.42
N ASN A 225 -7.19 13.24 19.22
CA ASN A 225 -6.59 14.47 19.74
C ASN A 225 -5.24 14.19 20.38
N TRP A 226 -5.12 13.00 20.96
CA TRP A 226 -3.89 12.64 21.66
C TRP A 226 -2.76 12.35 20.68
N GLU A 227 -3.04 11.56 19.63
CA GLU A 227 -2.06 11.43 18.56
C GLU A 227 -1.80 12.75 17.86
N THR A 228 -2.76 13.68 17.92
CA THR A 228 -2.56 15.00 17.36
C THR A 228 -1.50 15.77 18.13
N LEU A 229 -1.65 15.84 19.47
CA LEU A 229 -0.65 16.53 20.27
C LEU A 229 0.68 15.79 20.26
N ASN A 230 0.67 14.48 20.03
CA ASN A 230 1.92 13.73 19.93
C ASN A 230 2.65 14.05 18.64
N ASP A 231 1.97 13.93 17.50
CA ASP A 231 2.60 14.25 16.22
C ASP A 231 3.03 15.71 16.17
N ASN A 232 2.24 16.61 16.76
CA ASN A 232 2.65 18.01 16.82
C ASN A 232 3.84 18.20 17.74
N LEU A 233 3.96 17.39 18.80
CA LEU A 233 5.16 17.42 19.62
C LEU A 233 6.38 17.01 18.79
N LYS A 234 6.25 15.94 18.00
CA LYS A 234 7.34 15.53 17.13
C LYS A 234 7.69 16.62 16.12
N VAL A 235 6.68 17.32 15.60
CA VAL A 235 6.92 18.44 14.71
C VAL A 235 7.70 19.53 15.42
N ILE A 236 7.36 19.80 16.68
CA ILE A 236 8.10 20.79 17.47
C ILE A 236 9.55 20.36 17.64
N GLU A 237 9.79 19.04 17.76
CA GLU A 237 11.16 18.56 17.91
C GLU A 237 12.01 18.89 16.68
N LYS A 238 11.44 18.73 15.48
CA LYS A 238 12.17 18.93 14.24
C LYS A 238 11.84 20.27 13.57
N ALA A 239 11.51 21.28 14.36
CA ALA A 239 11.15 22.58 13.80
C ALA A 239 12.41 23.39 13.47
N ASP A 240 12.20 24.50 12.76
CA ASP A 240 13.29 25.37 12.34
C ASP A 240 13.06 26.85 12.64
N ASN A 241 11.82 27.30 12.81
CA ASN A 241 11.55 28.71 13.07
C ASN A 241 10.40 28.82 14.06
N ALA A 242 10.13 30.06 14.47
CA ALA A 242 9.10 30.32 15.48
C ALA A 242 7.69 30.14 14.93
N ALA A 243 7.51 30.25 13.61
CA ALA A 243 6.17 30.06 13.05
C ALA A 243 5.75 28.61 13.08
N GLN A 244 6.70 27.68 12.94
CA GLN A 244 6.38 26.26 13.00
C GLN A 244 5.97 25.84 14.40
N VAL A 245 6.75 26.21 15.41
CA VAL A 245 6.40 25.88 16.79
C VAL A 245 5.17 26.66 17.24
N LYS A 246 4.93 27.83 16.63
CA LYS A 246 3.71 28.57 16.90
C LYS A 246 2.49 27.81 16.40
N ASP A 247 2.55 27.36 15.14
CA ASP A 247 1.43 26.63 14.56
C ASP A 247 1.18 25.31 15.30
N ALA A 248 2.22 24.48 15.43
CA ALA A 248 2.08 23.22 16.12
C ALA A 248 1.67 23.42 17.58
N LEU A 249 2.11 24.52 18.19
CA LEU A 249 1.76 24.77 19.58
C LEU A 249 0.29 25.12 19.74
N THR A 250 -0.24 25.98 18.85
CA THR A 250 -1.65 26.31 18.90
C THR A 250 -2.50 25.08 18.61
N LYS A 251 -2.10 24.26 17.63
CA LYS A 251 -2.81 23.02 17.37
C LYS A 251 -2.79 22.11 18.60
N MET A 252 -1.66 22.07 19.30
CA MET A 252 -1.59 21.31 20.56
C MET A 252 -2.59 21.87 21.57
N ARG A 253 -2.73 23.19 21.63
CA ARG A 253 -3.69 23.78 22.56
C ARG A 253 -5.12 23.38 22.21
N ALA A 254 -5.44 23.35 20.90
CA ALA A 254 -6.75 22.90 20.49
C ALA A 254 -7.00 21.44 20.89
N ALA A 255 -6.01 20.58 20.64
CA ALA A 255 -6.16 19.17 21.00
C ALA A 255 -6.31 18.98 22.50
N ALA A 256 -5.59 19.78 23.29
CA ALA A 256 -5.69 19.66 24.74
C ALA A 256 -7.02 20.18 25.26
N LEU A 257 -7.55 21.24 24.64
CA LEU A 257 -8.83 21.79 25.10
C LEU A 257 -9.98 20.87 24.71
N ASP A 258 -9.96 20.28 23.51
CA ASP A 258 -11.01 19.33 23.16
C ASP A 258 -10.87 18.03 23.96
N ALA A 259 -9.64 17.62 24.25
CA ALA A 259 -9.43 16.41 25.03
C ALA A 259 -9.70 16.60 26.51
N GLN A 260 -9.78 17.85 26.98
CA GLN A 260 -10.00 18.09 28.41
C GLN A 260 -11.42 17.74 28.81
N LYS A 261 -12.41 18.24 28.07
CA LYS A 261 -13.80 17.92 28.33
C LYS A 261 -14.21 16.55 27.80
N ALA A 262 -13.23 15.67 27.60
CA ALA A 262 -13.42 14.33 27.05
C ALA A 262 -13.27 13.32 28.18
N THR A 263 -14.32 12.59 28.48
CA THR A 263 -14.28 11.66 29.61
C THR A 263 -13.52 10.40 29.23
N PRO A 264 -12.54 9.98 30.03
CA PRO A 264 -11.80 8.76 29.73
C PRO A 264 -12.65 7.53 30.01
N PRO A 265 -12.20 6.33 29.63
CA PRO A 265 -13.05 5.15 29.83
C PRO A 265 -13.22 4.77 31.29
N LYS A 266 -12.20 4.97 32.13
CA LYS A 266 -12.25 4.58 33.52
C LYS A 266 -13.22 5.46 34.29
N LEU A 267 -14.49 5.11 34.26
CA LEU A 267 -15.54 5.84 34.96
C LEU A 267 -16.48 4.90 35.72
N SER A 274 -15.27 11.98 40.56
CA SER A 274 -14.58 13.23 40.87
C SER A 274 -13.26 13.04 41.66
N PRO A 275 -13.24 12.21 42.72
CA PRO A 275 -11.96 11.96 43.41
C PRO A 275 -11.01 11.18 42.51
N GLU A 276 -9.77 11.68 42.40
CA GLU A 276 -8.77 11.23 41.44
C GLU A 276 -9.25 11.35 40.00
N MET A 277 -10.37 12.02 39.77
CA MET A 277 -10.83 12.41 38.44
C MET A 277 -10.61 13.89 38.16
N LYS A 278 -10.71 14.74 39.18
CA LYS A 278 -10.18 16.09 39.07
C LYS A 278 -8.68 16.08 38.83
N ASP A 279 -8.01 14.95 39.12
CA ASP A 279 -6.65 14.76 38.66
C ASP A 279 -6.58 14.81 37.14
N PHE A 280 -7.42 14.03 36.47
CA PHE A 280 -7.43 13.96 35.02
C PHE A 280 -7.64 15.33 34.39
N ARG A 281 -8.66 16.06 34.83
CA ARG A 281 -8.93 17.37 34.26
C ARG A 281 -7.89 18.40 34.70
N HIS A 282 -7.32 18.22 35.88
CA HIS A 282 -6.26 19.11 36.34
C HIS A 282 -5.01 18.97 35.47
N GLY A 283 -4.74 17.76 34.97
CA GLY A 283 -3.58 17.57 34.12
C GLY A 283 -3.66 18.35 32.82
N PHE A 284 -4.85 18.41 32.22
CA PHE A 284 -5.04 19.27 31.07
C PHE A 284 -5.08 20.74 31.47
N ASP A 285 -5.62 21.05 32.65
CA ASP A 285 -5.61 22.41 33.14
C ASP A 285 -4.19 22.95 33.27
N ILE A 286 -3.23 22.10 33.62
CA ILE A 286 -1.83 22.52 33.66
C ILE A 286 -1.22 22.43 32.27
N LEU A 287 -1.62 21.43 31.47
CA LEU A 287 -1.05 21.25 30.14
C LEU A 287 -1.27 22.46 29.26
N VAL A 288 -2.51 22.96 29.22
CA VAL A 288 -2.80 24.14 28.41
C VAL A 288 -2.05 25.36 28.94
N GLY A 289 -1.81 25.40 30.25
CA GLY A 289 -1.02 26.49 30.80
C GLY A 289 0.42 26.46 30.32
N GLN A 290 1.03 25.27 30.29
CA GLN A 290 2.37 25.15 29.77
C GLN A 290 2.41 25.45 28.26
N ILE A 291 1.36 25.06 27.54
CA ILE A 291 1.27 25.42 26.13
C ILE A 291 1.20 26.93 25.97
N ASP A 292 0.56 27.63 26.91
CA ASP A 292 0.53 29.09 26.86
C ASP A 292 1.90 29.67 27.17
N ASP A 293 2.60 29.10 28.16
CA ASP A 293 3.94 29.58 28.49
C ASP A 293 4.88 29.42 27.30
N ALA A 294 4.82 28.27 26.64
CA ALA A 294 5.67 28.05 25.46
C ALA A 294 5.18 28.82 24.24
N LEU A 295 3.90 29.19 24.21
CA LEU A 295 3.38 29.94 23.07
C LEU A 295 3.79 31.41 23.15
N LYS A 296 3.64 32.02 24.32
CA LYS A 296 4.20 33.35 24.51
C LYS A 296 5.72 33.32 24.44
N LEU A 297 6.34 32.22 24.86
CA LEU A 297 7.78 32.04 24.68
C LEU A 297 8.16 31.90 23.22
N ALA A 298 7.21 31.52 22.35
CA ALA A 298 7.47 31.38 20.93
C ALA A 298 7.07 32.61 20.12
N ASN A 299 6.23 33.49 20.67
CA ASN A 299 5.83 34.69 19.94
C ASN A 299 6.97 35.69 19.80
N GLU A 300 8.01 35.58 20.63
CA GLU A 300 9.18 36.43 20.49
C GLU A 300 10.39 35.67 19.95
N GLY A 301 10.19 34.41 19.56
CA GLY A 301 11.21 33.71 18.79
C GLY A 301 12.20 32.90 19.58
N LYS A 302 11.90 32.55 20.83
CA LYS A 302 12.75 31.62 21.58
C LYS A 302 12.35 30.21 21.15
N VAL A 303 12.97 29.73 20.08
CA VAL A 303 12.54 28.48 19.46
C VAL A 303 12.94 27.29 20.33
N LYS A 304 14.23 27.16 20.62
CA LYS A 304 14.70 26.00 21.37
C LYS A 304 14.19 26.01 22.81
N GLU A 305 14.04 27.19 23.41
CA GLU A 305 13.43 27.27 24.73
C GLU A 305 12.00 26.73 24.71
N ALA A 306 11.23 27.14 23.69
CA ALA A 306 9.89 26.59 23.53
C ALA A 306 9.91 25.09 23.30
N GLN A 307 10.97 24.58 22.66
CA GLN A 307 11.07 23.14 22.45
C GLN A 307 11.31 22.39 23.75
N ALA A 308 12.19 22.91 24.62
CA ALA A 308 12.38 22.30 25.93
C ALA A 308 11.10 22.38 26.75
N ALA A 309 10.42 23.54 26.72
CA ALA A 309 9.12 23.64 27.36
C ALA A 309 8.16 22.57 26.85
N ALA A 310 8.21 22.28 25.56
CA ALA A 310 7.40 21.19 25.01
C ALA A 310 7.86 19.84 25.52
N GLU A 311 9.14 19.70 25.89
CA GLU A 311 9.60 18.45 26.48
C GLU A 311 9.00 18.25 27.87
N GLN A 312 9.03 19.30 28.71
CA GLN A 312 8.36 19.19 30.01
C GLN A 312 6.87 18.94 29.85
N LEU A 313 6.26 19.59 28.86
CA LEU A 313 4.89 19.27 28.46
C LEU A 313 4.73 17.78 28.21
N LYS A 314 5.70 17.18 27.50
CA LYS A 314 5.65 15.74 27.25
C LYS A 314 5.83 14.94 28.53
N THR A 315 6.48 15.50 29.55
CA THR A 315 6.57 14.81 30.82
C THR A 315 5.20 14.75 31.51
N THR A 316 4.54 15.90 31.65
CA THR A 316 3.20 15.92 32.24
C THR A 316 2.26 14.98 31.49
N ARG A 317 2.23 15.13 30.16
CA ARG A 317 1.53 14.18 29.30
C ARG A 317 1.83 12.76 29.73
N ASN A 318 3.12 12.38 29.74
CA ASN A 318 3.54 11.03 30.10
C ASN A 318 2.87 10.54 31.39
N ALA A 319 2.90 11.39 32.42
CA ALA A 319 2.21 11.05 33.67
C ALA A 319 0.76 10.66 33.40
N TYR A 320 0.04 11.47 32.62
CA TYR A 320 -1.38 11.15 32.48
C TYR A 320 -1.66 10.02 31.48
N ILE A 321 -0.74 9.77 30.53
CA ILE A 321 -0.80 8.53 29.75
C ILE A 321 -0.78 7.34 30.67
N GLN A 322 0.32 7.20 31.43
CA GLN A 322 0.47 6.04 32.30
C GLN A 322 -0.60 5.99 33.39
N LYS A 323 -1.33 7.09 33.61
CA LYS A 323 -2.41 7.04 34.59
C LYS A 323 -3.73 6.55 34.00
N TYR A 324 -4.24 7.23 32.96
CA TYR A 324 -5.63 6.99 32.59
C TYR A 324 -5.84 6.66 31.11
N LEU A 325 -4.87 6.04 30.44
CA LEU A 325 -5.09 5.85 29.01
C LEU A 325 -5.11 4.37 28.63
N PRO A 326 -6.02 3.97 27.72
CA PRO A 326 -6.06 2.58 27.24
C PRO A 326 -4.88 2.28 26.32
N PRO A 327 -4.71 1.02 25.94
CA PRO A 327 -3.56 0.65 25.08
C PRO A 327 -3.63 1.32 23.72
N PRO A 328 -2.50 1.47 23.05
CA PRO A 328 -2.48 2.19 21.75
C PRO A 328 -3.12 1.38 20.63
N SER A 329 -3.35 2.08 19.52
CA SER A 329 -4.08 1.52 18.37
C SER A 329 -3.10 1.01 17.32
N ARG A 330 -2.52 -0.16 17.62
CA ARG A 330 -1.62 -0.81 16.67
C ARG A 330 -2.35 -1.24 15.40
N GLU A 331 -3.61 -1.66 15.55
CA GLU A 331 -4.39 -2.12 14.41
C GLU A 331 -4.74 -0.97 13.46
N LYS A 332 -4.81 0.26 13.98
CA LYS A 332 -5.17 1.40 13.15
C LYS A 332 -4.10 1.69 12.11
N LYS A 333 -2.83 1.67 12.53
CA LYS A 333 -1.74 1.81 11.56
C LYS A 333 -1.78 0.70 10.53
N VAL A 334 -2.19 -0.50 10.94
CA VAL A 334 -2.37 -1.60 10.00
C VAL A 334 -3.39 -1.21 8.93
N THR A 335 -4.51 -0.61 9.36
CA THR A 335 -5.49 -0.13 8.38
C THR A 335 -4.87 0.91 7.44
N ARG A 336 -4.04 1.81 7.98
CA ARG A 336 -3.35 2.76 7.14
C ARG A 336 -2.51 2.06 6.07
N THR A 337 -1.80 1.00 6.47
CA THR A 337 -1.00 0.26 5.50
C THR A 337 -1.88 -0.40 4.44
N ILE A 338 -2.96 -1.03 4.86
CA ILE A 338 -3.90 -1.64 3.90
C ILE A 338 -4.36 -0.60 2.89
N LEU A 339 -4.75 0.59 3.37
CA LEU A 339 -5.15 1.65 2.45
C LEU A 339 -4.02 2.00 1.50
N ALA A 340 -2.78 2.02 1.99
CA ALA A 340 -1.65 2.33 1.12
C ALA A 340 -1.54 1.32 -0.03
N ILE A 341 -1.65 0.02 0.30
CA ILE A 341 -1.53 -1.02 -0.73
C ILE A 341 -2.67 -0.91 -1.74
N LEU A 342 -3.90 -0.82 -1.24
CA LEU A 342 -5.07 -0.79 -2.11
C LEU A 342 -5.06 0.44 -3.02
N LEU A 343 -4.72 1.60 -2.46
CA LEU A 343 -4.63 2.81 -3.28
C LEU A 343 -3.51 2.70 -4.31
N ALA A 344 -2.38 2.08 -3.93
CA ALA A 344 -1.32 1.84 -4.90
C ALA A 344 -1.85 1.06 -6.10
N PHE A 345 -2.47 -0.10 -5.84
CA PHE A 345 -2.98 -0.92 -6.94
C PHE A 345 -4.02 -0.17 -7.77
N ILE A 346 -5.01 0.42 -7.11
CA ILE A 346 -6.11 1.05 -7.84
C ILE A 346 -5.61 2.19 -8.70
N ILE A 347 -4.84 3.11 -8.11
CA ILE A 347 -4.36 4.27 -8.87
C ILE A 347 -3.46 3.84 -10.02
N THR A 348 -2.59 2.86 -9.78
CA THR A 348 -1.65 2.48 -10.82
C THR A 348 -2.29 1.65 -11.93
N TRP A 349 -3.39 0.97 -11.64
CA TRP A 349 -4.01 0.08 -12.62
C TRP A 349 -5.25 0.66 -13.29
N ALA A 350 -5.77 1.78 -12.79
CA ALA A 350 -6.95 2.39 -13.41
C ALA A 350 -6.70 2.86 -14.85
N PRO A 351 -5.62 3.59 -15.17
CA PRO A 351 -5.46 4.08 -16.56
C PRO A 351 -5.44 2.97 -17.60
N TYR A 352 -4.73 1.87 -17.33
CA TYR A 352 -4.68 0.77 -18.30
C TYR A 352 -6.07 0.21 -18.57
N ASN A 353 -6.85 -0.04 -17.52
CA ASN A 353 -8.19 -0.58 -17.71
C ASN A 353 -9.08 0.38 -18.46
N VAL A 354 -8.95 1.69 -18.18
CA VAL A 354 -9.70 2.69 -18.95
C VAL A 354 -9.30 2.62 -20.42
N MET A 355 -8.01 2.46 -20.69
CA MET A 355 -7.55 2.34 -22.08
C MET A 355 -8.11 1.09 -22.75
N VAL A 356 -8.30 0.02 -21.97
CA VAL A 356 -8.94 -1.18 -22.52
C VAL A 356 -10.39 -0.89 -22.90
N LEU A 357 -11.13 -0.28 -21.97
CA LEU A 357 -12.53 0.03 -22.24
C LEU A 357 -12.67 0.91 -23.47
N ILE A 358 -11.87 1.97 -23.56
CA ILE A 358 -11.95 2.85 -24.73
C ILE A 358 -11.53 2.09 -25.99
N ASN A 359 -10.53 1.21 -25.86
CA ASN A 359 -10.07 0.44 -27.01
C ASN A 359 -11.12 -0.56 -27.50
N THR A 360 -12.12 -0.88 -26.68
CA THR A 360 -13.16 -1.80 -27.16
C THR A 360 -13.93 -1.21 -28.35
N PHE A 361 -14.00 0.12 -28.46
CA PHE A 361 -14.78 0.74 -29.52
C PHE A 361 -14.07 1.83 -30.30
N CYS A 362 -13.00 2.42 -29.78
CA CYS A 362 -12.19 3.40 -30.51
C CYS A 362 -10.73 3.05 -30.35
N ALA A 363 -10.16 2.32 -31.33
CA ALA A 363 -8.75 1.98 -31.24
C ALA A 363 -7.85 3.19 -31.48
N PRO A 364 -8.11 4.06 -32.47
CA PRO A 364 -7.21 5.21 -32.67
C PRO A 364 -7.27 6.23 -31.56
N CYS A 365 -8.21 6.11 -30.61
CA CYS A 365 -8.28 7.06 -29.50
C CYS A 365 -7.11 6.92 -28.52
N ILE A 366 -6.45 5.78 -28.51
CA ILE A 366 -5.37 5.49 -27.57
C ILE A 366 -4.09 5.29 -28.36
N PRO A 367 -3.21 6.29 -28.39
CA PRO A 367 -1.90 6.12 -29.05
C PRO A 367 -1.03 5.10 -28.31
N ASN A 368 0.07 4.73 -28.95
CA ASN A 368 0.98 3.75 -28.36
C ASN A 368 1.75 4.32 -27.18
N THR A 369 1.96 5.64 -27.17
CA THR A 369 2.68 6.25 -26.05
C THR A 369 1.91 6.09 -24.75
N VAL A 370 0.61 6.40 -24.76
CA VAL A 370 -0.17 6.30 -23.54
C VAL A 370 -0.38 4.84 -23.14
N TRP A 371 -0.51 3.93 -24.12
CA TRP A 371 -0.48 2.51 -23.81
C TRP A 371 0.78 2.16 -23.01
N THR A 372 1.95 2.57 -23.54
CA THR A 372 3.21 2.35 -22.82
C THR A 372 3.15 2.92 -21.41
N ILE A 373 2.51 4.08 -21.25
CA ILE A 373 2.37 4.68 -19.93
C ILE A 373 1.56 3.77 -19.01
N GLY A 374 0.48 3.16 -19.53
CA GLY A 374 -0.32 2.27 -18.70
C GLY A 374 0.44 1.03 -18.27
N TYR A 375 1.07 0.35 -19.24
CA TYR A 375 1.92 -0.80 -18.95
C TYR A 375 2.93 -0.47 -17.84
N TRP A 376 3.74 0.56 -18.08
CA TRP A 376 4.76 0.92 -17.10
C TRP A 376 4.16 1.39 -15.79
N LEU A 377 2.89 1.80 -15.78
CA LEU A 377 2.26 2.21 -14.52
C LEU A 377 1.91 1.01 -13.67
N CYS A 378 1.38 -0.06 -14.28
CA CYS A 378 1.15 -1.29 -13.53
C CYS A 378 2.47 -1.86 -13.01
N TYR A 379 3.46 -1.97 -13.90
CA TYR A 379 4.77 -2.44 -13.48
C TYR A 379 5.33 -1.59 -12.35
N ILE A 380 5.14 -0.27 -12.44
CA ILE A 380 5.58 0.64 -11.39
C ILE A 380 4.86 0.34 -10.08
N ASN A 381 3.58 -0.07 -10.14
CA ASN A 381 2.92 -0.57 -8.93
C ASN A 381 3.74 -1.69 -8.30
N SER A 382 4.14 -2.66 -9.13
CA SER A 382 5.01 -3.71 -8.61
C SER A 382 6.31 -3.15 -8.04
N THR A 383 6.75 -1.98 -8.51
CA THR A 383 7.95 -1.37 -7.94
C THR A 383 7.68 -0.76 -6.57
N ILE A 384 6.50 -0.17 -6.38
CA ILE A 384 6.25 0.68 -5.23
C ILE A 384 5.60 -0.03 -4.05
N ASN A 385 5.07 -1.25 -4.25
CA ASN A 385 4.49 -1.98 -3.12
C ASN A 385 5.40 -2.06 -1.88
N PRO A 386 6.68 -2.42 -1.98
CA PRO A 386 7.50 -2.50 -0.76
C PRO A 386 7.55 -1.21 0.02
N ALA A 387 7.63 -0.07 -0.66
CA ALA A 387 7.55 1.21 0.03
C ALA A 387 6.20 1.39 0.72
N CYS A 388 5.15 0.76 0.17
CA CYS A 388 3.83 0.88 0.78
C CYS A 388 3.77 0.11 2.11
N TYR A 389 4.27 -1.12 2.13
CA TYR A 389 4.11 -1.89 3.36
C TYR A 389 5.39 -2.09 4.18
N ALA A 390 6.55 -2.15 3.55
CA ALA A 390 7.78 -2.54 4.24
C ALA A 390 8.61 -1.35 4.72
N LEU A 391 8.69 -0.28 3.95
CA LEU A 391 9.57 0.83 4.33
C LEU A 391 9.00 1.66 5.47
N CYS A 392 7.68 1.62 5.70
CA CYS A 392 7.07 2.36 6.79
C CYS A 392 6.96 1.54 8.07
N ASN A 393 7.51 0.32 8.09
CA ASN A 393 7.40 -0.57 9.23
C ASN A 393 8.72 -0.63 9.99
N ALA A 394 8.63 -0.60 11.32
CA ALA A 394 9.84 -0.56 12.14
C ALA A 394 10.58 -1.89 12.10
N THR A 395 9.86 -3.00 12.16
CA THR A 395 10.50 -4.31 12.13
C THR A 395 11.16 -4.58 10.79
N PHE A 396 10.46 -4.29 9.69
CA PHE A 396 11.06 -4.42 8.37
C PHE A 396 12.29 -3.54 8.23
N LYS A 397 12.26 -2.35 8.81
CA LYS A 397 13.42 -1.47 8.74
C LYS A 397 14.59 -2.02 9.53
N LYS A 398 14.33 -2.59 10.71
CA LYS A 398 15.39 -3.21 11.48
C LYS A 398 16.02 -4.38 10.73
N THR A 399 15.17 -5.25 10.14
CA THR A 399 15.71 -6.37 9.38
C THR A 399 16.45 -5.90 8.13
N PHE A 400 16.00 -4.81 7.51
CA PHE A 400 16.71 -4.26 6.37
C PHE A 400 18.09 -3.78 6.77
N LYS A 401 18.17 -2.99 7.83
CA LYS A 401 19.47 -2.50 8.30
C LYS A 401 20.37 -3.66 8.68
N HIS A 402 19.81 -4.72 9.27
CA HIS A 402 20.61 -5.89 9.62
C HIS A 402 21.13 -6.60 8.37
N LEU A 403 20.31 -6.69 7.32
CA LEU A 403 20.71 -7.43 6.12
C LEU A 403 21.72 -6.64 5.29
N LEU A 404 21.57 -5.32 5.22
CA LEU A 404 22.45 -4.52 4.38
C LEU A 404 23.78 -4.20 5.05
N MET A 405 23.79 -4.13 6.38
CA MET A 405 25.04 -3.85 7.11
C MET A 405 25.69 -5.14 7.57
#